data_6TQ2
#
_entry.id   6TQ2
#
_cell.length_a   115.790
_cell.length_b   55.850
_cell.length_c   67.440
_cell.angle_alpha   90.000
_cell.angle_beta   94.030
_cell.angle_gamma   90.000
#
_symmetry.space_group_name_H-M   'C 1 2 1'
#
loop_
_entity.id
_entity.type
_entity.pdbx_description
1 polymer 'Bromodomain-containing protein 2'
2 non-polymer 'SULFATE ION'
3 non-polymer 5-[5-(4-fluorophenyl)-1~{H}-imidazol-4-yl]-1-methyl-pyridin-2-one
4 non-polymer 1,2-ETHANEDIOL
5 water water
#
_entity_poly.entity_id   1
_entity_poly.type   'polypeptide(L)'
_entity_poly.pdbx_seq_one_letter_code
;MGSSHHHHHHSSGLVPRGSHMSNPKKPGRVTNQLQYLHKVVMKALWKHQFAWPFRQPVDAVKLGLPDYHKIIKQPMDMGT
IKRRLENNYYWAASECMQDFNTMFTNCYIYNKPTDDIVLMAQTLEKIFLQKVASMPQEEQELVVTIPKNSHKKGA
;
_entity_poly.pdbx_strand_id   AAA,BBB,CCC
#
# COMPACT_ATOMS: atom_id res chain seq x y z
N VAL A 30 -0.15 17.70 4.86
CA VAL A 30 -1.05 16.82 4.04
C VAL A 30 -0.52 16.75 2.60
N THR A 31 -0.54 15.56 2.01
CA THR A 31 -0.36 15.31 0.55
C THR A 31 -1.24 14.12 0.13
N ASN A 32 -1.57 14.05 -1.16
CA ASN A 32 -2.34 12.93 -1.76
C ASN A 32 -1.77 11.60 -1.27
N GLN A 33 -0.44 11.44 -1.35
CA GLN A 33 0.31 10.19 -1.01
C GLN A 33 0.13 9.85 0.48
N LEU A 34 0.20 10.84 1.36
CA LEU A 34 0.08 10.64 2.82
C LEU A 34 -1.38 10.32 3.19
N GLN A 35 -2.35 10.94 2.50
CA GLN A 35 -3.80 10.64 2.68
C GLN A 35 -4.06 9.21 2.17
N TYR A 36 -3.34 8.80 1.12
CA TYR A 36 -3.38 7.40 0.61
C TYR A 36 -2.93 6.45 1.72
N LEU A 37 -1.75 6.69 2.30
CA LEU A 37 -1.12 5.81 3.33
C LEU A 37 -2.00 5.80 4.60
N HIS A 38 -2.76 6.87 4.84
CA HIS A 38 -3.75 6.97 5.95
C HIS A 38 -5.01 6.17 5.58
N LYS A 39 -5.68 6.56 4.48
CA LYS A 39 -7.08 6.19 4.16
C LYS A 39 -7.15 4.82 3.48
N VAL A 40 -6.04 4.34 2.89
CA VAL A 40 -5.99 3.03 2.17
C VAL A 40 -5.06 2.07 2.92
N VAL A 41 -3.80 2.46 3.14
CA VAL A 41 -2.77 1.57 3.76
C VAL A 41 -3.10 1.33 5.23
N MET A 42 -3.10 2.38 6.06
CA MET A 42 -3.33 2.23 7.53
C MET A 42 -4.76 1.72 7.82
N LYS A 43 -5.74 2.08 7.00
CA LYS A 43 -7.14 1.59 7.18
C LYS A 43 -7.12 0.05 7.14
N ALA A 44 -6.56 -0.50 6.07
CA ALA A 44 -6.50 -1.94 5.74
C ALA A 44 -5.74 -2.71 6.82
N LEU A 45 -4.56 -2.23 7.21
CA LEU A 45 -3.62 -2.92 8.14
C LEU A 45 -4.12 -2.86 9.58
N TRP A 46 -4.58 -1.69 10.05
CA TRP A 46 -5.00 -1.45 11.45
C TRP A 46 -6.10 -2.43 11.88
N LYS A 47 -7.06 -2.74 11.00
CA LYS A 47 -8.23 -3.61 11.31
C LYS A 47 -7.93 -5.07 10.95
N HIS A 48 -6.73 -5.38 10.46
CA HIS A 48 -6.35 -6.76 10.05
C HIS A 48 -6.29 -7.66 11.30
N GLN A 49 -6.74 -8.91 11.16
CA GLN A 49 -6.84 -9.91 12.25
C GLN A 49 -5.44 -10.25 12.80
N PHE A 50 -4.38 -9.92 12.09
CA PHE A 50 -2.96 -10.17 12.48
C PHE A 50 -2.31 -8.89 12.99
N ALA A 51 -3.04 -7.77 13.02
CA ALA A 51 -2.48 -6.43 13.30
C ALA A 51 -2.19 -6.24 14.79
N TRP A 52 -2.90 -6.97 15.67
CA TRP A 52 -2.97 -6.64 17.13
C TRP A 52 -1.59 -6.54 17.78
N PRO A 53 -0.59 -7.39 17.43
CA PRO A 53 0.74 -7.27 18.04
C PRO A 53 1.53 -5.99 17.65
N PHE A 54 1.05 -5.25 16.63
CA PHE A 54 1.76 -4.11 16.00
C PHE A 54 1.04 -2.78 16.29
N ARG A 55 -0.06 -2.81 17.05
CA ARG A 55 -0.96 -1.64 17.25
C ARG A 55 -0.42 -0.72 18.36
N GLN A 56 0.58 -1.18 19.11
CA GLN A 56 1.20 -0.42 20.24
C GLN A 56 2.67 -0.81 20.31
N PRO A 57 3.52 0.01 20.99
CA PRO A 57 4.93 -0.36 21.13
C PRO A 57 5.09 -1.72 21.81
N VAL A 58 6.14 -2.45 21.43
CA VAL A 58 6.58 -3.69 22.14
C VAL A 58 6.87 -3.32 23.60
N ASP A 59 6.21 -4.01 24.53
CA ASP A 59 6.41 -3.85 26.00
C ASP A 59 7.27 -5.01 26.49
N ALA A 60 8.59 -4.81 26.59
CA ALA A 60 9.61 -5.83 26.96
C ALA A 60 9.30 -6.40 28.35
N VAL A 61 8.79 -5.56 29.27
CA VAL A 61 8.38 -5.98 30.64
C VAL A 61 7.16 -6.90 30.51
N LYS A 62 6.08 -6.42 29.88
CA LYS A 62 4.82 -7.18 29.68
C LYS A 62 5.09 -8.49 28.94
N LEU A 63 5.91 -8.44 27.88
CA LEU A 63 6.13 -9.58 26.94
C LEU A 63 7.32 -10.44 27.42
N GLY A 64 8.09 -9.95 28.40
CA GLY A 64 9.18 -10.70 29.05
C GLY A 64 10.37 -10.84 28.12
N LEU A 65 10.81 -9.73 27.52
CA LEU A 65 11.86 -9.67 26.47
C LEU A 65 12.95 -8.70 26.93
N PRO A 66 13.78 -9.09 27.92
CA PRO A 66 14.71 -8.14 28.54
C PRO A 66 15.82 -7.64 27.57
N ASP A 67 16.04 -8.39 26.50
CA ASP A 67 17.08 -8.11 25.46
C ASP A 67 16.50 -7.22 24.34
N TYR A 68 15.19 -6.98 24.31
CA TYR A 68 14.51 -6.40 23.12
C TYR A 68 15.15 -5.05 22.76
N HIS A 69 15.30 -4.16 23.74
CA HIS A 69 15.76 -2.75 23.50
C HIS A 69 17.28 -2.70 23.27
N LYS A 70 18.00 -3.77 23.61
CA LYS A 70 19.43 -3.98 23.28
C LYS A 70 19.59 -4.30 21.79
N ILE A 71 18.71 -5.15 21.24
CA ILE A 71 18.78 -5.61 19.83
C ILE A 71 18.15 -4.57 18.91
N ILE A 72 16.97 -4.07 19.28
CA ILE A 72 16.16 -3.11 18.47
C ILE A 72 16.36 -1.71 19.06
N LYS A 73 16.92 -0.79 18.26
CA LYS A 73 17.36 0.56 18.68
C LYS A 73 16.32 1.63 18.30
N GLN A 74 15.56 1.41 17.22
CA GLN A 74 14.47 2.30 16.78
C GLN A 74 13.17 1.52 16.80
N PRO A 75 12.49 1.39 17.97
CA PRO A 75 11.17 0.77 18.03
C PRO A 75 10.16 1.51 17.12
N MET A 76 9.24 0.78 16.48
CA MET A 76 8.14 1.38 15.69
C MET A 76 6.91 0.45 15.73
N ASP A 77 5.72 1.03 15.62
CA ASP A 77 4.41 0.34 15.77
C ASP A 77 3.38 1.13 14.98
N MET A 78 2.22 0.54 14.68
N MET A 78 2.26 0.50 14.63
CA MET A 78 1.18 1.18 13.83
CA MET A 78 1.13 1.10 13.87
C MET A 78 0.37 2.20 14.64
C MET A 78 0.55 2.28 14.66
N GLY A 79 0.34 2.10 15.97
CA GLY A 79 -0.24 3.12 16.86
C GLY A 79 0.44 4.47 16.69
N THR A 80 1.78 4.49 16.76
CA THR A 80 2.66 5.66 16.53
C THR A 80 2.48 6.21 15.11
N ILE A 81 2.50 5.34 14.08
CA ILE A 81 2.37 5.78 12.66
C ILE A 81 0.96 6.39 12.46
N LYS A 82 -0.09 5.76 12.99
CA LYS A 82 -1.50 6.25 12.91
C LYS A 82 -1.57 7.67 13.49
N ARG A 83 -1.13 7.84 14.73
CA ARG A 83 -1.07 9.15 15.44
C ARG A 83 -0.37 10.18 14.55
N ARG A 84 0.78 9.82 13.98
CA ARG A 84 1.62 10.69 13.10
C ARG A 84 0.87 11.08 11.83
N LEU A 85 0.07 10.16 11.27
CA LEU A 85 -0.75 10.43 10.06
C LEU A 85 -1.90 11.36 10.45
N GLU A 86 -2.46 11.19 11.66
CA GLU A 86 -3.62 11.96 12.19
C GLU A 86 -3.19 13.39 12.60
N ASN A 87 -1.90 13.63 12.85
CA ASN A 87 -1.37 14.93 13.33
C ASN A 87 -0.47 15.58 12.25
N ASN A 88 -0.44 15.03 11.03
CA ASN A 88 0.35 15.53 9.88
C ASN A 88 1.82 15.68 10.30
N TYR A 89 2.35 14.70 11.06
CA TYR A 89 3.74 14.68 11.57
C TYR A 89 4.72 14.60 10.39
N TYR A 90 4.35 13.86 9.35
CA TYR A 90 5.23 13.51 8.19
C TYR A 90 5.25 14.65 7.18
N TRP A 91 6.39 14.81 6.50
CA TRP A 91 6.63 15.82 5.43
C TRP A 91 6.61 15.14 4.04
N ALA A 92 7.00 13.87 3.97
CA ALA A 92 7.06 13.06 2.73
C ALA A 92 6.45 11.67 3.00
N ALA A 93 5.93 11.04 1.95
CA ALA A 93 5.28 9.70 1.99
C ALA A 93 6.36 8.64 2.26
N SER A 94 7.54 8.82 1.68
CA SER A 94 8.75 7.99 1.93
C SER A 94 9.01 7.89 3.44
N GLU A 95 8.88 9.01 4.15
CA GLU A 95 9.09 9.08 5.62
C GLU A 95 8.16 8.10 6.34
N CYS A 96 6.86 8.13 6.03
CA CYS A 96 5.82 7.22 6.60
C CYS A 96 6.13 5.77 6.21
N MET A 97 6.43 5.53 4.94
CA MET A 97 6.80 4.20 4.38
C MET A 97 8.03 3.62 5.12
N GLN A 98 9.01 4.45 5.49
CA GLN A 98 10.22 4.00 6.21
C GLN A 98 9.83 3.51 7.61
N ASP A 99 8.84 4.13 8.25
CA ASP A 99 8.34 3.73 9.60
C ASP A 99 7.70 2.34 9.53
N PHE A 100 6.82 2.10 8.55
CA PHE A 100 6.21 0.77 8.30
C PHE A 100 7.33 -0.26 8.11
N ASN A 101 8.31 0.06 7.25
CA ASN A 101 9.49 -0.80 6.98
C ASN A 101 10.22 -1.11 8.28
N THR A 102 10.51 -0.08 9.07
CA THR A 102 11.23 -0.19 10.37
C THR A 102 10.43 -1.12 11.29
N MET A 103 9.11 -0.98 11.34
CA MET A 103 8.24 -1.82 12.21
C MET A 103 8.37 -3.30 11.80
N PHE A 104 8.29 -3.60 10.50
CA PHE A 104 8.42 -4.97 9.95
C PHE A 104 9.85 -5.50 10.14
N THR A 105 10.86 -4.70 9.80
CA THR A 105 12.29 -5.12 9.88
C THR A 105 12.61 -5.48 11.34
N ASN A 106 12.25 -4.62 12.30
CA ASN A 106 12.47 -4.89 13.75
C ASN A 106 11.97 -6.29 14.08
N CYS A 107 10.81 -6.67 13.56
CA CYS A 107 10.12 -7.94 13.86
C CYS A 107 10.96 -9.12 13.33
N TYR A 108 11.42 -9.05 12.08
CA TYR A 108 12.19 -10.14 11.44
C TYR A 108 13.57 -10.29 12.09
N ILE A 109 14.14 -9.19 12.60
CA ILE A 109 15.54 -9.16 13.15
C ILE A 109 15.54 -9.77 14.55
N TYR A 110 14.62 -9.34 15.43
CA TYR A 110 14.59 -9.77 16.85
C TYR A 110 14.04 -11.19 17.00
N ASN A 111 12.97 -11.55 16.27
CA ASN A 111 12.17 -12.78 16.51
C ASN A 111 12.83 -13.98 15.80
N LYS A 112 12.63 -15.19 16.34
CA LYS A 112 13.16 -16.44 15.71
C LYS A 112 12.45 -16.66 14.38
N PRO A 113 13.14 -17.19 13.35
CA PRO A 113 12.52 -17.45 12.04
C PRO A 113 11.20 -18.23 12.09
N THR A 114 11.06 -19.10 13.10
CA THR A 114 9.94 -20.08 13.26
C THR A 114 8.74 -19.43 13.95
N ASP A 115 8.91 -18.25 14.54
CA ASP A 115 7.86 -17.59 15.37
C ASP A 115 6.69 -17.18 14.48
N ASP A 116 5.46 -17.38 14.97
CA ASP A 116 4.19 -16.97 14.32
C ASP A 116 4.23 -15.47 14.00
N ILE A 117 4.79 -14.63 14.89
CA ILE A 117 4.81 -13.14 14.72
C ILE A 117 5.43 -12.80 13.37
N VAL A 118 6.45 -13.55 12.93
CA VAL A 118 7.15 -13.32 11.63
C VAL A 118 6.17 -13.56 10.48
N LEU A 119 5.37 -14.64 10.54
N LEU A 119 5.38 -14.63 10.57
CA LEU A 119 4.33 -14.96 9.52
CA LEU A 119 4.33 -14.99 9.58
C LEU A 119 3.29 -13.84 9.49
C LEU A 119 3.28 -13.87 9.51
N MET A 120 2.90 -13.35 10.67
CA MET A 120 1.91 -12.24 10.81
C MET A 120 2.51 -10.97 10.21
N ALA A 121 3.79 -10.69 10.49
CA ALA A 121 4.54 -9.55 9.91
C ALA A 121 4.55 -9.68 8.37
N GLN A 122 4.94 -10.85 7.86
CA GLN A 122 5.02 -11.12 6.39
C GLN A 122 3.67 -10.78 5.74
N THR A 123 2.55 -11.24 6.32
CA THR A 123 1.18 -11.09 5.76
C THR A 123 0.81 -9.61 5.69
N LEU A 124 1.07 -8.85 6.77
CA LEU A 124 0.83 -7.39 6.83
C LEU A 124 1.68 -6.68 5.77
N GLU A 125 2.97 -7.06 5.63
CA GLU A 125 3.92 -6.33 4.75
C GLU A 125 3.51 -6.55 3.29
N LYS A 126 3.02 -7.74 2.97
CA LYS A 126 2.44 -8.10 1.65
C LYS A 126 1.35 -7.09 1.27
N ILE A 127 0.40 -6.82 2.17
CA ILE A 127 -0.71 -5.86 1.93
C ILE A 127 -0.13 -4.46 1.77
N PHE A 128 0.78 -4.04 2.67
CA PHE A 128 1.49 -2.74 2.63
C PHE A 128 2.04 -2.52 1.22
N LEU A 129 2.81 -3.50 0.72
CA LEU A 129 3.49 -3.43 -0.60
C LEU A 129 2.47 -3.46 -1.75
N GLN A 130 1.46 -4.33 -1.65
CA GLN A 130 0.35 -4.40 -2.64
C GLN A 130 -0.25 -3.00 -2.80
N LYS A 131 -0.53 -2.32 -1.68
CA LYS A 131 -1.21 -0.99 -1.66
C LYS A 131 -0.24 0.09 -2.15
N VAL A 132 1.04 0.01 -1.77
CA VAL A 132 2.07 1.06 -2.09
C VAL A 132 2.33 1.06 -3.61
N ALA A 133 2.11 -0.07 -4.29
CA ALA A 133 2.24 -0.23 -5.76
C ALA A 133 1.15 0.53 -6.52
N SER A 134 0.10 0.98 -5.82
CA SER A 134 -1.05 1.73 -6.39
C SER A 134 -1.11 3.15 -5.80
N MET A 135 -0.09 3.56 -5.05
CA MET A 135 -0.02 4.90 -4.40
C MET A 135 0.17 5.96 -5.48
N PRO A 136 -0.44 7.16 -5.33
CA PRO A 136 -0.21 8.28 -6.26
C PRO A 136 1.28 8.55 -6.49
N GLN A 137 1.68 8.85 -7.73
CA GLN A 137 3.09 8.82 -8.18
C GLN A 137 3.81 10.11 -7.78
N GLU A 138 3.12 11.26 -7.86
CA GLU A 138 3.69 12.59 -7.51
C GLU A 138 3.13 13.03 -6.15
N GLU A 139 3.99 13.42 -5.22
CA GLU A 139 3.60 13.99 -3.91
C GLU A 139 3.22 15.47 -4.12
N GLN A 140 1.96 15.71 -4.51
CA GLN A 140 1.38 17.05 -4.72
C GLN A 140 0.69 17.50 -3.42
N GLU A 141 1.11 18.64 -2.88
CA GLU A 141 0.70 19.17 -1.54
C GLU A 141 -0.76 19.64 -1.59
N GLY B 28 4.09 -13.78 -18.99
CA GLY B 28 3.57 -12.50 -18.44
C GLY B 28 3.49 -11.40 -19.48
N ARG B 29 3.47 -10.14 -19.05
CA ARG B 29 3.34 -8.94 -19.93
C ARG B 29 4.21 -7.79 -19.41
N VAL B 30 4.39 -6.76 -20.25
CA VAL B 30 5.19 -5.54 -19.97
C VAL B 30 4.25 -4.38 -19.68
N THR B 31 4.48 -3.65 -18.57
CA THR B 31 3.78 -2.40 -18.19
C THR B 31 4.81 -1.30 -17.95
N ASN B 32 4.34 -0.09 -17.64
CA ASN B 32 5.19 1.10 -17.33
C ASN B 32 5.87 0.89 -15.96
N GLN B 33 5.15 0.35 -14.98
CA GLN B 33 5.64 0.10 -13.60
C GLN B 33 6.81 -0.90 -13.63
N LEU B 34 6.65 -2.03 -14.34
CA LEU B 34 7.71 -3.08 -14.45
C LEU B 34 8.94 -2.52 -15.20
N GLN B 35 8.73 -1.56 -16.11
CA GLN B 35 9.84 -0.83 -16.81
C GLN B 35 10.58 0.06 -15.80
N TYR B 36 9.84 0.79 -14.99
CA TYR B 36 10.37 1.63 -13.88
C TYR B 36 11.17 0.75 -12.91
N LEU B 37 10.58 -0.38 -12.48
CA LEU B 37 11.24 -1.30 -11.52
C LEU B 37 12.57 -1.77 -12.13
N HIS B 38 12.56 -2.13 -13.41
CA HIS B 38 13.75 -2.62 -14.16
C HIS B 38 14.76 -1.48 -14.36
N LYS B 39 14.33 -0.34 -14.90
CA LYS B 39 15.24 0.70 -15.47
C LYS B 39 15.50 1.85 -14.49
N VAL B 40 14.82 1.89 -13.34
CA VAL B 40 15.02 2.96 -12.31
C VAL B 40 15.46 2.31 -11.01
N VAL B 41 14.59 1.46 -10.42
CA VAL B 41 14.80 0.84 -9.08
C VAL B 41 15.99 -0.11 -9.16
N MET B 42 15.88 -1.15 -9.99
CA MET B 42 16.85 -2.27 -10.05
C MET B 42 18.24 -1.73 -10.44
N LYS B 43 18.30 -0.71 -11.30
CA LYS B 43 19.57 -0.06 -11.75
C LYS B 43 20.30 0.53 -10.54
N ALA B 44 19.61 1.36 -9.76
CA ALA B 44 20.10 2.07 -8.56
C ALA B 44 20.64 1.04 -7.56
N LEU B 45 19.84 0.04 -7.20
CA LEU B 45 20.23 -0.98 -6.19
C LEU B 45 21.45 -1.74 -6.69
N TRP B 46 21.43 -2.18 -7.96
CA TRP B 46 22.45 -3.10 -8.54
C TRP B 46 23.86 -2.48 -8.42
N LYS B 47 24.00 -1.20 -8.76
CA LYS B 47 25.32 -0.50 -8.80
C LYS B 47 25.80 -0.15 -7.38
N HIS B 48 24.92 -0.28 -6.38
CA HIS B 48 25.18 0.18 -4.99
C HIS B 48 26.36 -0.60 -4.42
N GLN B 49 27.18 0.07 -3.59
CA GLN B 49 28.42 -0.51 -3.01
C GLN B 49 28.09 -1.65 -2.04
N PHE B 50 26.85 -1.73 -1.55
CA PHE B 50 26.40 -2.78 -0.59
C PHE B 50 25.62 -3.89 -1.35
N ALA B 51 25.43 -3.76 -2.66
CA ALA B 51 24.54 -4.62 -3.48
C ALA B 51 25.17 -5.99 -3.78
N TRP B 52 26.49 -6.14 -3.70
CA TRP B 52 27.21 -7.33 -4.23
C TRP B 52 26.71 -8.63 -3.58
N PRO B 53 26.41 -8.70 -2.26
CA PRO B 53 25.92 -9.96 -1.69
C PRO B 53 24.52 -10.38 -2.18
N PHE B 54 23.84 -9.53 -2.95
CA PHE B 54 22.41 -9.67 -3.32
C PHE B 54 22.23 -9.91 -4.83
N ARG B 55 23.32 -9.85 -5.61
CA ARG B 55 23.30 -9.85 -7.09
C ARG B 55 23.15 -11.26 -7.66
N GLN B 56 23.44 -12.28 -6.86
CA GLN B 56 23.32 -13.71 -7.25
C GLN B 56 22.69 -14.48 -6.09
N PRO B 57 22.08 -15.65 -6.35
CA PRO B 57 21.59 -16.51 -5.27
C PRO B 57 22.67 -16.75 -4.20
N VAL B 58 22.25 -16.96 -2.95
CA VAL B 58 23.13 -17.40 -1.83
C VAL B 58 23.62 -18.82 -2.15
N ASP B 59 24.94 -19.00 -2.24
CA ASP B 59 25.59 -20.33 -2.43
C ASP B 59 25.95 -20.84 -1.04
N ALA B 60 25.06 -21.63 -0.43
CA ALA B 60 25.20 -22.17 0.95
C ALA B 60 26.48 -23.00 1.06
N VAL B 61 26.79 -23.79 0.04
CA VAL B 61 27.98 -24.70 -0.02
C VAL B 61 29.24 -23.84 -0.01
N LYS B 62 29.36 -22.90 -0.96
CA LYS B 62 30.55 -22.03 -1.16
C LYS B 62 30.77 -21.13 0.08
N LEU B 63 29.68 -20.58 0.65
CA LEU B 63 29.74 -19.60 1.78
C LEU B 63 29.77 -20.30 3.13
N GLY B 64 29.74 -21.64 3.16
CA GLY B 64 29.69 -22.45 4.39
C GLY B 64 28.53 -22.02 5.27
N LEU B 65 27.31 -22.28 4.82
CA LEU B 65 26.03 -21.97 5.53
C LEU B 65 25.11 -23.18 5.44
N PRO B 66 25.38 -24.27 6.19
CA PRO B 66 24.70 -25.55 5.97
C PRO B 66 23.21 -25.56 6.34
N ASP B 67 22.79 -24.61 7.18
CA ASP B 67 21.41 -24.47 7.72
C ASP B 67 20.60 -23.47 6.88
N TYR B 68 21.19 -22.89 5.84
CA TYR B 68 20.57 -21.76 5.09
C TYR B 68 19.22 -22.19 4.54
N HIS B 69 19.18 -23.30 3.77
CA HIS B 69 17.98 -23.76 3.03
C HIS B 69 16.98 -24.43 3.99
N LYS B 70 17.41 -24.76 5.21
CA LYS B 70 16.52 -25.28 6.29
C LYS B 70 15.73 -24.12 6.91
N ILE B 71 16.23 -22.88 6.81
CA ILE B 71 15.62 -21.67 7.43
C ILE B 71 14.90 -20.86 6.35
N ILE B 72 15.59 -20.58 5.24
CA ILE B 72 15.09 -19.78 4.09
C ILE B 72 14.56 -20.77 3.06
N LYS B 73 13.24 -20.83 2.89
CA LYS B 73 12.53 -21.83 2.03
C LYS B 73 12.24 -21.22 0.66
N GLN B 74 12.16 -19.89 0.56
CA GLN B 74 12.02 -19.18 -0.75
C GLN B 74 13.22 -18.25 -0.95
N PRO B 75 14.36 -18.77 -1.45
CA PRO B 75 15.49 -17.91 -1.81
C PRO B 75 15.09 -16.93 -2.92
N MET B 76 15.66 -15.72 -2.87
CA MET B 76 15.48 -14.69 -3.89
C MET B 76 16.72 -13.80 -3.89
N ASP B 77 17.03 -13.22 -5.05
CA ASP B 77 18.19 -12.33 -5.28
C ASP B 77 17.85 -11.40 -6.44
N MET B 78 18.54 -10.27 -6.56
N MET B 78 18.54 -10.25 -6.53
CA MET B 78 18.26 -9.26 -7.62
CA MET B 78 18.37 -9.23 -7.60
C MET B 78 18.58 -9.86 -9.00
C MET B 78 18.56 -9.88 -8.97
N GLY B 79 19.55 -10.79 -9.07
CA GLY B 79 19.86 -11.55 -10.30
C GLY B 79 18.65 -12.30 -10.83
N THR B 80 17.95 -13.02 -9.95
CA THR B 80 16.67 -13.72 -10.27
C THR B 80 15.62 -12.67 -10.68
N ILE B 81 15.47 -11.60 -9.92
CA ILE B 81 14.45 -10.54 -10.19
C ILE B 81 14.74 -9.92 -11.56
N LYS B 82 16.01 -9.63 -11.86
CA LYS B 82 16.46 -8.98 -13.12
C LYS B 82 16.11 -9.88 -14.32
N ARG B 83 16.60 -11.12 -14.31
CA ARG B 83 16.26 -12.12 -15.37
C ARG B 83 14.74 -12.14 -15.55
N ARG B 84 13.99 -12.20 -14.44
CA ARG B 84 12.50 -12.30 -14.44
C ARG B 84 11.87 -11.10 -15.15
N LEU B 85 12.38 -9.88 -14.91
CA LEU B 85 11.91 -8.64 -15.59
C LEU B 85 12.31 -8.67 -17.08
N GLU B 86 13.42 -9.34 -17.41
CA GLU B 86 13.99 -9.41 -18.79
C GLU B 86 13.30 -10.49 -19.63
N ASN B 87 12.71 -11.52 -18.99
CA ASN B 87 12.05 -12.66 -19.67
C ASN B 87 10.52 -12.55 -19.52
N ASN B 88 10.03 -11.40 -19.07
CA ASN B 88 8.57 -11.08 -18.94
C ASN B 88 7.86 -12.16 -18.12
N TYR B 89 8.44 -12.48 -16.94
CA TYR B 89 7.86 -13.42 -15.95
C TYR B 89 6.69 -12.76 -15.22
N TYR B 90 6.82 -11.49 -14.83
CA TYR B 90 5.89 -10.76 -13.93
C TYR B 90 4.66 -10.25 -14.70
N TRP B 91 3.49 -10.34 -14.07
CA TRP B 91 2.17 -9.88 -14.59
C TRP B 91 1.88 -8.46 -14.11
N ALA B 92 2.25 -8.13 -12.87
CA ALA B 92 2.05 -6.82 -12.22
C ALA B 92 3.29 -6.42 -11.44
N ALA B 93 3.50 -5.11 -11.23
CA ALA B 93 4.64 -4.55 -10.47
C ALA B 93 4.67 -5.14 -9.06
N SER B 94 3.50 -5.40 -8.46
CA SER B 94 3.34 -5.87 -7.06
C SER B 94 4.01 -7.24 -6.88
N GLU B 95 3.97 -8.09 -7.90
CA GLU B 95 4.62 -9.43 -7.92
C GLU B 95 6.14 -9.28 -7.81
N CYS B 96 6.70 -8.32 -8.55
CA CYS B 96 8.15 -8.00 -8.57
C CYS B 96 8.57 -7.41 -7.22
N MET B 97 7.75 -6.52 -6.66
CA MET B 97 8.01 -5.84 -5.35
C MET B 97 7.98 -6.87 -4.20
N GLN B 98 7.14 -7.90 -4.29
N GLN B 98 7.13 -7.90 -4.30
CA GLN B 98 7.05 -9.00 -3.30
CA GLN B 98 7.03 -9.02 -3.31
C GLN B 98 8.34 -9.83 -3.32
C GLN B 98 8.31 -9.85 -3.33
N ASP B 99 8.91 -10.01 -4.52
CA ASP B 99 10.21 -10.71 -4.71
C ASP B 99 11.34 -9.89 -4.07
N PHE B 100 11.35 -8.56 -4.26
CA PHE B 100 12.30 -7.66 -3.53
C PHE B 100 12.12 -7.85 -2.03
N ASN B 101 10.88 -7.83 -1.54
CA ASN B 101 10.63 -7.89 -0.07
C ASN B 101 11.16 -9.22 0.47
N THR B 102 10.84 -10.34 -0.18
CA THR B 102 11.33 -11.68 0.20
C THR B 102 12.87 -11.66 0.28
N MET B 103 13.54 -11.07 -0.72
CA MET B 103 15.02 -11.01 -0.73
C MET B 103 15.50 -10.38 0.59
N PHE B 104 15.00 -9.20 0.92
CA PHE B 104 15.38 -8.45 2.14
C PHE B 104 14.99 -9.25 3.39
N THR B 105 13.75 -9.76 3.42
CA THR B 105 13.20 -10.44 4.62
C THR B 105 14.02 -11.69 4.92
N ASN B 106 14.43 -12.45 3.89
CA ASN B 106 15.32 -13.65 4.02
C ASN B 106 16.61 -13.25 4.76
N CYS B 107 17.18 -12.09 4.42
CA CYS B 107 18.45 -11.57 4.98
C CYS B 107 18.27 -11.32 6.49
N TYR B 108 17.21 -10.59 6.86
CA TYR B 108 16.89 -10.22 8.27
C TYR B 108 16.57 -11.48 9.09
N ILE B 109 15.92 -12.47 8.48
CA ILE B 109 15.45 -13.70 9.20
C ILE B 109 16.65 -14.60 9.47
N TYR B 110 17.52 -14.82 8.48
CA TYR B 110 18.62 -15.81 8.55
C TYR B 110 19.81 -15.30 9.39
N ASN B 111 20.22 -14.05 9.15
CA ASN B 111 21.51 -13.51 9.67
C ASN B 111 21.33 -13.02 11.12
N LYS B 112 22.42 -12.96 11.88
CA LYS B 112 22.44 -12.37 13.25
C LYS B 112 22.17 -10.88 13.13
N PRO B 113 21.42 -10.25 14.06
CA PRO B 113 21.14 -8.81 14.02
C PRO B 113 22.36 -7.88 13.87
N THR B 114 23.51 -8.28 14.40
CA THR B 114 24.71 -7.40 14.48
C THR B 114 25.56 -7.57 13.22
N ASP B 115 25.16 -8.47 12.32
CA ASP B 115 25.91 -8.80 11.08
C ASP B 115 25.79 -7.63 10.12
N ASP B 116 26.92 -7.21 9.53
CA ASP B 116 27.01 -6.14 8.49
C ASP B 116 25.99 -6.37 7.38
N ILE B 117 25.78 -7.60 6.92
CA ILE B 117 24.82 -7.93 5.81
C ILE B 117 23.45 -7.31 6.11
N VAL B 118 23.01 -7.34 7.37
CA VAL B 118 21.69 -6.81 7.81
C VAL B 118 21.68 -5.30 7.60
N LEU B 119 22.80 -4.62 7.89
CA LEU B 119 22.95 -3.15 7.67
C LEU B 119 22.92 -2.86 6.17
N MET B 120 23.57 -3.70 5.37
CA MET B 120 23.62 -3.56 3.89
C MET B 120 22.20 -3.70 3.32
N ALA B 121 21.43 -4.68 3.77
CA ALA B 121 20.03 -4.92 3.32
C ALA B 121 19.15 -3.72 3.65
N GLN B 122 19.15 -3.27 4.92
CA GLN B 122 18.36 -2.11 5.40
C GLN B 122 18.60 -0.90 4.48
N THR B 123 19.87 -0.57 4.23
CA THR B 123 20.30 0.54 3.34
C THR B 123 19.67 0.37 1.95
N LEU B 124 19.83 -0.81 1.33
CA LEU B 124 19.31 -1.11 -0.03
C LEU B 124 17.79 -1.01 0.02
N GLU B 125 17.17 -1.55 1.08
CA GLU B 125 15.69 -1.59 1.24
C GLU B 125 15.17 -0.15 1.30
N LYS B 126 15.85 0.73 2.04
CA LYS B 126 15.42 2.16 2.16
C LYS B 126 15.39 2.80 0.77
N ILE B 127 16.43 2.61 -0.05
CA ILE B 127 16.50 3.12 -1.45
C ILE B 127 15.35 2.53 -2.27
N PHE B 128 15.06 1.23 -2.12
CA PHE B 128 13.97 0.53 -2.86
C PHE B 128 12.64 1.23 -2.55
N LEU B 129 12.35 1.50 -1.28
CA LEU B 129 11.05 2.10 -0.86
C LEU B 129 10.96 3.53 -1.38
N GLN B 130 12.04 4.32 -1.29
CA GLN B 130 12.11 5.71 -1.84
C GLN B 130 11.75 5.69 -3.33
N LYS B 131 12.33 4.78 -4.11
CA LYS B 131 12.15 4.70 -5.58
C LYS B 131 10.75 4.17 -5.92
N VAL B 132 10.25 3.17 -5.17
CA VAL B 132 8.89 2.61 -5.36
C VAL B 132 7.83 3.71 -5.14
N ALA B 133 8.10 4.66 -4.25
CA ALA B 133 7.20 5.80 -3.95
C ALA B 133 6.96 6.64 -5.23
N SER B 134 7.97 6.77 -6.09
CA SER B 134 7.97 7.62 -7.30
C SER B 134 7.58 6.81 -8.55
N MET B 135 7.06 5.59 -8.37
CA MET B 135 6.63 4.71 -9.48
C MET B 135 5.31 5.24 -10.06
N PRO B 136 5.14 5.25 -11.41
CA PRO B 136 3.88 5.65 -12.04
C PRO B 136 2.63 4.96 -11.44
N GLN B 137 1.62 5.78 -11.11
CA GLN B 137 0.47 5.45 -10.22
C GLN B 137 -0.31 4.24 -10.77
N GLU B 138 -0.84 4.36 -11.99
CA GLU B 138 -1.70 3.34 -12.63
C GLU B 138 -0.83 2.44 -13.53
N GLU B 139 -1.23 1.17 -13.68
CA GLU B 139 -0.44 0.11 -14.35
C GLU B 139 -0.89 -0.04 -15.81
N GLN B 140 0.00 0.27 -16.76
CA GLN B 140 -0.23 0.15 -18.23
C GLN B 140 -0.09 -1.33 -18.63
N THR C 31 -38.17 -4.07 -8.47
CA THR C 31 -37.16 -2.97 -8.40
C THR C 31 -35.79 -3.48 -8.89
N ASN C 32 -35.76 -4.03 -10.11
CA ASN C 32 -34.57 -4.70 -10.70
C ASN C 32 -33.48 -3.68 -11.03
N GLN C 33 -33.85 -2.42 -11.29
CA GLN C 33 -32.89 -1.32 -11.62
C GLN C 33 -32.03 -0.99 -10.40
N LEU C 34 -32.65 -0.76 -9.24
CA LEU C 34 -31.95 -0.35 -7.98
C LEU C 34 -31.08 -1.52 -7.49
N GLN C 35 -31.55 -2.75 -7.64
N GLN C 35 -31.59 -2.74 -7.62
CA GLN C 35 -30.77 -3.98 -7.30
CA GLN C 35 -30.86 -4.02 -7.36
C GLN C 35 -29.59 -4.10 -8.27
C GLN C 35 -29.62 -4.05 -8.25
N TYR C 36 -29.78 -3.74 -9.54
CA TYR C 36 -28.69 -3.65 -10.53
C TYR C 36 -27.67 -2.62 -10.03
N LEU C 37 -28.12 -1.38 -9.79
CA LEU C 37 -27.28 -0.28 -9.26
C LEU C 37 -26.52 -0.76 -8.01
N HIS C 38 -27.15 -1.54 -7.15
CA HIS C 38 -26.51 -2.06 -5.90
C HIS C 38 -25.52 -3.20 -6.24
N LYS C 39 -25.99 -4.26 -6.88
CA LYS C 39 -25.27 -5.56 -7.00
C LYS C 39 -24.26 -5.52 -8.15
N VAL C 40 -24.31 -4.54 -9.05
CA VAL C 40 -23.36 -4.46 -10.19
C VAL C 40 -22.62 -3.12 -10.16
N VAL C 41 -23.34 -1.99 -10.23
CA VAL C 41 -22.73 -0.64 -10.38
C VAL C 41 -21.90 -0.34 -9.13
N MET C 42 -22.53 -0.27 -7.94
CA MET C 42 -21.84 0.08 -6.68
C MET C 42 -20.74 -0.95 -6.41
N LYS C 43 -21.07 -2.25 -6.57
CA LYS C 43 -20.14 -3.39 -6.41
C LYS C 43 -18.82 -3.09 -7.15
N ALA C 44 -18.93 -2.59 -8.38
CA ALA C 44 -17.78 -2.29 -9.26
C ALA C 44 -17.06 -1.01 -8.81
N LEU C 45 -17.78 0.03 -8.37
CA LEU C 45 -17.16 1.36 -8.09
C LEU C 45 -16.52 1.33 -6.69
N TRP C 46 -17.19 0.71 -5.72
CA TRP C 46 -16.70 0.59 -4.32
C TRP C 46 -15.27 0.01 -4.30
N LYS C 47 -15.04 -1.13 -4.96
CA LYS C 47 -13.76 -1.90 -4.86
C LYS C 47 -12.69 -1.34 -5.81
N HIS C 48 -13.05 -0.42 -6.70
CA HIS C 48 -12.11 0.21 -7.68
C HIS C 48 -10.99 0.93 -6.90
N GLN C 49 -9.78 0.95 -7.46
CA GLN C 49 -8.56 1.49 -6.81
C GLN C 49 -8.69 3.02 -6.61
N PHE C 50 -9.52 3.70 -7.42
CA PHE C 50 -9.70 5.17 -7.39
C PHE C 50 -10.87 5.57 -6.47
N ALA C 51 -11.51 4.60 -5.82
CA ALA C 51 -12.72 4.78 -4.98
C ALA C 51 -12.42 5.57 -3.70
N TRP C 52 -11.20 5.46 -3.15
CA TRP C 52 -10.91 5.77 -1.72
C TRP C 52 -11.25 7.23 -1.37
N PRO C 53 -11.06 8.24 -2.26
CA PRO C 53 -11.41 9.62 -1.92
C PRO C 53 -12.93 9.83 -1.78
N PHE C 54 -13.74 8.87 -2.25
CA PHE C 54 -15.21 8.99 -2.41
C PHE C 54 -15.99 8.04 -1.48
N ARG C 55 -15.30 7.24 -0.65
CA ARG C 55 -15.93 6.16 0.16
C ARG C 55 -16.66 6.76 1.37
N GLN C 56 -16.42 8.03 1.69
CA GLN C 56 -16.95 8.72 2.90
C GLN C 56 -17.08 10.22 2.63
N PRO C 57 -17.99 10.91 3.35
CA PRO C 57 -18.13 12.37 3.22
C PRO C 57 -16.81 13.13 3.29
N VAL C 58 -16.63 14.12 2.42
CA VAL C 58 -15.54 15.14 2.55
C VAL C 58 -15.66 15.72 3.97
N ASP C 59 -14.62 15.53 4.80
CA ASP C 59 -14.46 16.22 6.10
C ASP C 59 -13.52 17.40 5.86
N ALA C 60 -14.10 18.59 5.65
CA ALA C 60 -13.40 19.86 5.30
C ALA C 60 -12.43 20.26 6.42
N VAL C 61 -12.75 19.95 7.69
CA VAL C 61 -11.92 20.31 8.87
C VAL C 61 -10.61 19.51 8.79
N LYS C 62 -10.71 18.17 8.76
CA LYS C 62 -9.55 17.23 8.72
C LYS C 62 -8.71 17.49 7.46
N LEU C 63 -9.36 17.60 6.31
CA LEU C 63 -8.69 17.75 4.98
C LEU C 63 -8.19 19.19 4.80
N GLY C 64 -8.52 20.10 5.73
CA GLY C 64 -8.11 21.52 5.71
C GLY C 64 -8.61 22.21 4.46
N LEU C 65 -9.92 22.08 4.19
CA LEU C 65 -10.64 22.70 3.03
C LEU C 65 -11.73 23.63 3.57
N PRO C 66 -11.38 24.73 4.27
CA PRO C 66 -12.37 25.58 4.93
C PRO C 66 -13.45 26.15 3.99
N ASP C 67 -13.19 26.21 2.68
CA ASP C 67 -14.07 26.85 1.67
C ASP C 67 -15.02 25.82 1.03
N TYR C 68 -14.84 24.53 1.32
CA TYR C 68 -15.54 23.41 0.64
C TYR C 68 -17.06 23.62 0.68
N HIS C 69 -17.62 23.85 1.87
CA HIS C 69 -19.08 23.90 2.13
C HIS C 69 -19.66 25.25 1.68
N LYS C 70 -18.83 26.27 1.46
CA LYS C 70 -19.23 27.55 0.82
C LYS C 70 -19.49 27.32 -0.68
N ILE C 71 -18.64 26.52 -1.34
CA ILE C 71 -18.66 26.30 -2.82
C ILE C 71 -19.62 25.15 -3.16
N ILE C 72 -19.60 24.07 -2.38
CA ILE C 72 -20.42 22.83 -2.63
C ILE C 72 -21.66 22.85 -1.74
N LYS C 73 -22.85 22.97 -2.36
CA LYS C 73 -24.16 23.14 -1.67
C LYS C 73 -24.73 21.77 -1.27
N GLN C 74 -24.57 20.74 -2.11
CA GLN C 74 -25.16 19.39 -1.85
C GLN C 74 -24.04 18.35 -1.87
N PRO C 75 -23.34 18.14 -0.73
CA PRO C 75 -22.29 17.12 -0.65
C PRO C 75 -22.85 15.70 -0.84
N MET C 76 -22.04 14.80 -1.39
CA MET C 76 -22.46 13.40 -1.67
C MET C 76 -21.23 12.52 -1.82
N ASP C 77 -21.38 11.22 -1.55
CA ASP C 77 -20.26 10.24 -1.55
C ASP C 77 -20.85 8.83 -1.66
N MET C 78 -19.98 7.86 -1.97
CA MET C 78 -20.37 6.46 -2.22
C MET C 78 -20.79 5.78 -0.92
N GLY C 79 -20.20 6.19 0.21
CA GLY C 79 -20.60 5.70 1.55
C GLY C 79 -22.09 5.92 1.79
N THR C 80 -22.55 7.17 1.62
CA THR C 80 -23.98 7.57 1.71
C THR C 80 -24.82 6.77 0.72
N ILE C 81 -24.39 6.69 -0.53
CA ILE C 81 -25.16 6.04 -1.63
C ILE C 81 -25.27 4.55 -1.31
N LYS C 82 -24.17 3.92 -0.90
CA LYS C 82 -24.11 2.46 -0.58
C LYS C 82 -25.11 2.16 0.54
N ARG C 83 -25.08 2.94 1.63
CA ARG C 83 -25.98 2.77 2.80
C ARG C 83 -27.44 2.90 2.36
N ARG C 84 -27.73 3.89 1.50
CA ARG C 84 -29.09 4.17 1.00
C ARG C 84 -29.56 3.00 0.13
N LEU C 85 -28.67 2.39 -0.64
CA LEU C 85 -28.99 1.20 -1.48
C LEU C 85 -29.25 -0.01 -0.57
N GLU C 86 -28.41 -0.19 0.47
CA GLU C 86 -28.53 -1.31 1.44
C GLU C 86 -29.85 -1.19 2.20
N ASN C 87 -30.22 0.04 2.61
CA ASN C 87 -31.38 0.33 3.48
C ASN C 87 -32.66 0.63 2.68
N ASN C 88 -32.65 0.44 1.34
CA ASN C 88 -33.83 0.60 0.44
C ASN C 88 -34.37 2.04 0.46
N TYR C 89 -33.50 3.04 0.66
CA TYR C 89 -33.83 4.49 0.74
C TYR C 89 -34.45 4.98 -0.58
N TYR C 90 -33.89 4.57 -1.73
CA TYR C 90 -34.21 5.13 -3.07
C TYR C 90 -35.59 4.63 -3.52
N TRP C 91 -36.39 5.53 -4.10
CA TRP C 91 -37.72 5.23 -4.70
C TRP C 91 -37.56 4.79 -6.16
N ALA C 92 -36.54 5.31 -6.85
CA ALA C 92 -36.25 5.00 -8.28
C ALA C 92 -34.74 5.07 -8.54
N ALA C 93 -34.29 4.36 -9.57
CA ALA C 93 -32.88 4.29 -10.02
C ALA C 93 -32.37 5.69 -10.34
N SER C 94 -33.23 6.55 -10.90
CA SER C 94 -32.95 7.96 -11.28
C SER C 94 -32.33 8.72 -10.10
N GLU C 95 -32.86 8.52 -8.89
CA GLU C 95 -32.51 9.28 -7.66
C GLU C 95 -31.07 8.92 -7.23
N CYS C 96 -30.74 7.63 -7.24
CA CYS C 96 -29.39 7.05 -6.99
C CYS C 96 -28.40 7.55 -8.05
N MET C 97 -28.81 7.55 -9.32
CA MET C 97 -27.98 8.07 -10.44
C MET C 97 -27.66 9.54 -10.21
N GLN C 98 -28.67 10.34 -9.82
N GLN C 98 -28.65 10.34 -9.81
CA GLN C 98 -28.50 11.78 -9.51
CA GLN C 98 -28.46 11.78 -9.52
C GLN C 98 -27.48 11.93 -8.37
C GLN C 98 -27.46 11.92 -8.37
N ASP C 99 -27.46 11.00 -7.42
CA ASP C 99 -26.52 11.01 -6.26
C ASP C 99 -25.10 10.73 -6.78
N PHE C 100 -24.91 9.70 -7.60
CA PHE C 100 -23.60 9.41 -8.25
C PHE C 100 -23.10 10.70 -8.95
N ASN C 101 -23.97 11.32 -9.74
CA ASN C 101 -23.60 12.48 -10.60
C ASN C 101 -23.27 13.71 -9.75
N THR C 102 -24.02 13.97 -8.68
CA THR C 102 -23.75 15.09 -7.74
C THR C 102 -22.35 14.91 -7.15
N MET C 103 -22.00 13.69 -6.74
CA MET C 103 -20.68 13.32 -6.15
C MET C 103 -19.57 13.69 -7.14
N PHE C 104 -19.68 13.22 -8.38
CA PHE C 104 -18.72 13.50 -9.47
C PHE C 104 -18.68 15.00 -9.76
N THR C 105 -19.85 15.64 -9.94
CA THR C 105 -19.94 17.08 -10.29
C THR C 105 -19.28 17.91 -9.18
N ASN C 106 -19.58 17.62 -7.91
CA ASN C 106 -18.96 18.32 -6.75
C ASN C 106 -17.43 18.28 -6.90
N CYS C 107 -16.88 17.11 -7.23
CA CYS C 107 -15.42 16.89 -7.35
C CYS C 107 -14.85 17.83 -8.41
N TYR C 108 -15.51 17.90 -9.57
CA TYR C 108 -15.03 18.66 -10.75
C TYR C 108 -15.14 20.16 -10.46
N ILE C 109 -16.14 20.56 -9.66
CA ILE C 109 -16.41 22.00 -9.41
C ILE C 109 -15.40 22.53 -8.38
N TYR C 110 -15.14 21.79 -7.30
CA TYR C 110 -14.31 22.29 -6.16
C TYR C 110 -12.81 22.23 -6.50
N ASN C 111 -12.35 21.16 -7.14
CA ASN C 111 -10.90 20.85 -7.28
C ASN C 111 -10.34 21.55 -8.52
N LYS C 112 -9.03 21.74 -8.56
CA LYS C 112 -8.29 22.29 -9.73
C LYS C 112 -8.32 21.25 -10.86
N PRO C 113 -8.35 21.68 -12.14
CA PRO C 113 -8.29 20.74 -13.27
C PRO C 113 -7.10 19.76 -13.22
N THR C 114 -5.94 20.20 -12.70
CA THR C 114 -4.65 19.45 -12.74
C THR C 114 -4.56 18.40 -11.63
N ASP C 115 -5.48 18.42 -10.66
CA ASP C 115 -5.51 17.47 -9.50
C ASP C 115 -5.86 16.06 -9.98
N ASP C 116 -5.24 15.04 -9.36
CA ASP C 116 -5.38 13.61 -9.71
C ASP C 116 -6.82 13.14 -9.42
N ILE C 117 -7.41 13.65 -8.34
CA ILE C 117 -8.81 13.34 -7.90
C ILE C 117 -9.76 13.60 -9.08
N VAL C 118 -9.47 14.60 -9.92
CA VAL C 118 -10.27 14.93 -11.14
C VAL C 118 -10.20 13.75 -12.11
N LEU C 119 -9.01 13.24 -12.43
CA LEU C 119 -8.81 12.07 -13.33
C LEU C 119 -9.45 10.82 -12.68
N MET C 120 -9.30 10.67 -11.37
CA MET C 120 -9.92 9.55 -10.62
C MET C 120 -11.45 9.62 -10.80
N ALA C 121 -12.06 10.79 -10.57
CA ALA C 121 -13.51 11.02 -10.76
C ALA C 121 -13.90 10.65 -12.20
N GLN C 122 -13.16 11.17 -13.18
CA GLN C 122 -13.42 10.96 -14.64
C GLN C 122 -13.46 9.47 -14.96
N THR C 123 -12.47 8.71 -14.50
CA THR C 123 -12.36 7.25 -14.71
C THR C 123 -13.57 6.56 -14.08
N LEU C 124 -13.90 6.93 -12.83
CA LEU C 124 -15.03 6.29 -12.08
C LEU C 124 -16.34 6.61 -12.80
N GLU C 125 -16.50 7.85 -13.27
CA GLU C 125 -17.76 8.34 -13.90
C GLU C 125 -17.99 7.59 -15.22
N LYS C 126 -16.94 7.40 -16.02
CA LYS C 126 -17.03 6.64 -17.29
C LYS C 126 -17.52 5.21 -17.00
N ILE C 127 -16.92 4.52 -16.03
CA ILE C 127 -17.34 3.15 -15.59
C ILE C 127 -18.81 3.19 -15.15
N PHE C 128 -19.20 4.19 -14.36
CA PHE C 128 -20.61 4.40 -13.89
C PHE C 128 -21.54 4.49 -15.11
N LEU C 129 -21.23 5.33 -16.10
CA LEU C 129 -22.09 5.49 -17.31
C LEU C 129 -22.11 4.19 -18.12
N GLN C 130 -20.97 3.50 -18.23
CA GLN C 130 -20.89 2.22 -19.00
C GLN C 130 -21.91 1.24 -18.42
N LYS C 131 -21.94 1.13 -17.09
CA LYS C 131 -22.77 0.13 -16.38
C LYS C 131 -24.24 0.57 -16.44
N VAL C 132 -24.50 1.87 -16.33
CA VAL C 132 -25.89 2.42 -16.42
C VAL C 132 -26.48 2.07 -17.79
N ALA C 133 -25.68 2.16 -18.87
CA ALA C 133 -26.10 1.89 -20.26
C ALA C 133 -26.77 0.50 -20.37
N SER C 134 -26.25 -0.49 -19.62
CA SER C 134 -26.71 -1.91 -19.63
C SER C 134 -27.72 -2.20 -18.51
N MET C 135 -28.22 -1.18 -17.81
CA MET C 135 -29.19 -1.30 -16.69
C MET C 135 -30.55 -1.70 -17.26
N PRO C 136 -31.28 -2.66 -16.62
CA PRO C 136 -32.65 -2.98 -17.02
C PRO C 136 -33.66 -1.82 -16.94
N GLN C 137 -34.91 -2.08 -17.34
CA GLN C 137 -36.03 -1.10 -17.36
C GLN C 137 -36.74 -1.10 -16.00
#